data_3K25
#
_entry.id   3K25
#
_cell.length_a   145.566
_cell.length_b   145.566
_cell.length_c   60.950
_cell.angle_alpha   90.00
_cell.angle_beta   90.00
_cell.angle_gamma   120.00
#
_symmetry.space_group_name_H-M   'P 65'
#
loop_
_entity.id
_entity.type
_entity.pdbx_description
1 polymer 'Slr1438 protein'
2 non-polymer 'PHOSPHATE ION'
3 water water
#
_entity_poly.entity_id   1
_entity_poly.type   'polypeptide(L)'
_entity_poly.pdbx_seq_one_letter_code
;(MSE)YNISFTPDRPLTYHLEDDQSLARLSLVPGRGGLVTEWTVQGQPILYFDRERFQDPSLSVRGGIPILFPICGNLPQ
DQFNHAGKSYRLKQHGFARDLPWEVIGQQTQDNARLDLRLSHNDATLEAFPFAFELVFSYQLQGHSLRIEQRIANLGDQR
(MSE)PFSLGFHPYFFCREKLGITLAIPANDYLDQKTGDCHGYDGQLNLTSPELDLAFTQISQPRAHFIDPDRNLKIEVS
FSELYQTLVLWTVAGKDYLCLEPWSGPRNALNSGEQLAWVEPYSSRSAWVNFQVSTE
;
_entity_poly.pdbx_strand_id   A,B
#
# COMPACT_ATOMS: atom_id res chain seq x y z
N TYR A 2 26.48 15.16 -2.71
CA TYR A 2 25.52 14.10 -3.00
C TYR A 2 24.58 13.95 -1.81
N ASN A 3 23.30 14.14 -2.06
CA ASN A 3 22.31 14.04 -1.00
C ASN A 3 21.25 13.00 -1.29
N ILE A 4 20.71 12.42 -0.21
CA ILE A 4 19.63 11.45 -0.35
C ILE A 4 18.65 11.64 0.80
N SER A 5 17.37 11.71 0.45
CA SER A 5 16.30 11.89 1.44
C SER A 5 15.10 11.17 0.89
N PHE A 6 14.07 11.03 1.71
CA PHE A 6 12.86 10.35 1.27
C PHE A 6 11.63 10.74 2.08
N THR A 7 10.47 10.74 1.42
CA THR A 7 9.21 11.04 2.07
C THR A 7 8.67 9.65 2.39
N PRO A 8 8.20 9.44 3.63
CA PRO A 8 7.67 8.12 4.00
C PRO A 8 6.40 7.75 3.26
N ASP A 9 5.85 6.59 3.57
CA ASP A 9 4.63 6.15 2.93
C ASP A 9 3.46 6.77 3.66
N ARG A 10 2.39 7.06 2.93
CA ARG A 10 1.17 7.61 3.51
C ARG A 10 0.00 7.03 2.75
N PRO A 11 -0.87 6.29 3.45
CA PRO A 11 -2.04 5.65 2.83
C PRO A 11 -3.12 6.60 2.37
N LEU A 12 -4.00 6.08 1.51
CA LEU A 12 -5.10 6.86 1.00
C LEU A 12 -5.97 7.23 2.20
N THR A 13 -5.99 8.53 2.48
CA THR A 13 -6.71 9.05 3.63
C THR A 13 -7.87 9.96 3.26
N TYR A 14 -9.02 9.70 3.87
CA TYR A 14 -10.20 10.52 3.63
C TYR A 14 -10.28 11.54 4.75
N HIS A 15 -10.75 12.74 4.42
CA HIS A 15 -10.88 13.83 5.39
C HIS A 15 -12.32 14.29 5.47
N LEU A 16 -12.87 14.27 6.68
CA LEU A 16 -14.25 14.69 6.87
C LEU A 16 -14.31 15.96 7.70
N GLU A 17 -15.28 16.82 7.41
CA GLU A 17 -15.42 18.06 8.14
C GLU A 17 -16.77 18.76 8.12
N ASP A 18 -16.96 19.58 9.16
CA ASP A 18 -18.11 20.45 9.35
C ASP A 18 -17.44 21.77 9.72
N ASP A 19 -17.19 22.61 8.71
CA ASP A 19 -16.54 23.91 8.90
C ASP A 19 -17.30 24.79 9.89
N GLN A 20 -18.52 24.38 10.21
CA GLN A 20 -19.35 25.13 11.14
C GLN A 20 -18.97 24.80 12.57
N SER A 21 -18.88 23.52 12.89
CA SER A 21 -18.52 23.09 14.23
C SER A 21 -17.02 23.04 14.35
N LEU A 22 -16.33 23.33 13.25
CA LEU A 22 -14.86 23.27 13.23
C LEU A 22 -14.43 21.84 13.58
N ALA A 23 -15.10 20.88 12.95
CA ALA A 23 -14.81 19.48 13.18
C ALA A 23 -14.22 18.81 11.94
N ARG A 24 -13.11 18.11 12.14
CA ARG A 24 -12.47 17.39 11.06
C ARG A 24 -11.99 16.02 11.51
N LEU A 25 -12.19 15.04 10.65
CA LEU A 25 -11.81 13.67 10.95
C LEU A 25 -11.01 13.05 9.81
N SER A 26 -10.11 12.14 10.17
CA SER A 26 -9.28 11.45 9.19
C SER A 26 -9.56 9.96 9.25
N LEU A 27 -10.01 9.41 8.13
CA LEU A 27 -10.30 7.98 8.05
C LEU A 27 -9.49 7.36 6.91
N VAL A 28 -8.74 6.29 7.21
CA VAL A 28 -7.95 5.62 6.19
C VAL A 28 -8.43 4.16 6.06
N PRO A 29 -9.37 3.92 5.12
CA PRO A 29 -10.04 2.67 4.74
C PRO A 29 -9.21 1.42 4.44
N GLY A 30 -8.04 1.57 3.84
CA GLY A 30 -7.22 0.43 3.53
C GLY A 30 -6.59 -0.21 4.76
N ARG A 31 -6.64 0.49 5.90
CA ARG A 31 -6.09 -0.01 7.14
C ARG A 31 -7.18 -0.39 8.13
N GLY A 32 -8.16 -1.17 7.69
CA GLY A 32 -9.22 -1.59 8.59
C GLY A 32 -10.39 -0.64 8.72
N GLY A 33 -10.63 0.22 7.72
CA GLY A 33 -11.75 1.15 7.81
C GLY A 33 -11.62 1.95 9.09
N LEU A 34 -10.39 2.33 9.38
CA LEU A 34 -10.00 3.03 10.59
C LEU A 34 -10.06 4.54 10.63
N VAL A 35 -10.72 5.05 11.68
CA VAL A 35 -10.80 6.48 11.98
C VAL A 35 -9.49 6.66 12.75
N THR A 36 -8.59 7.48 12.27
CA THR A 36 -7.32 7.64 12.97
C THR A 36 -7.30 8.85 13.89
N GLU A 37 -7.68 9.99 13.35
CA GLU A 37 -7.69 11.23 14.14
C GLU A 37 -9.00 11.99 14.00
N TRP A 38 -9.35 12.74 15.05
CA TRP A 38 -10.58 13.53 15.06
C TRP A 38 -10.37 14.79 15.88
N THR A 39 -10.68 15.95 15.31
CA THR A 39 -10.53 17.23 16.02
C THR A 39 -11.76 18.12 15.96
N VAL A 40 -12.05 18.74 17.10
CA VAL A 40 -13.16 19.65 17.27
C VAL A 40 -12.58 20.98 17.72
N GLN A 41 -12.70 21.99 16.88
CA GLN A 41 -12.16 23.31 17.19
C GLN A 41 -10.65 23.21 17.30
N GLY A 42 -10.07 22.25 16.59
CA GLY A 42 -8.63 22.08 16.60
C GLY A 42 -8.03 21.26 17.72
N GLN A 43 -8.84 20.90 18.71
CA GLN A 43 -8.34 20.09 19.81
C GLN A 43 -8.55 18.61 19.51
N PRO A 44 -7.50 17.79 19.70
CA PRO A 44 -7.52 16.34 19.47
C PRO A 44 -8.40 15.57 20.44
N ILE A 45 -9.51 15.05 19.93
CA ILE A 45 -10.40 14.27 20.76
C ILE A 45 -9.96 12.81 20.79
N LEU A 46 -9.23 12.37 19.76
CA LEU A 46 -8.70 11.01 19.71
C LEU A 46 -7.18 11.01 19.85
N TYR A 47 -6.62 9.92 20.37
CA TYR A 47 -5.17 9.78 20.51
C TYR A 47 -4.70 8.96 19.34
N PHE A 48 -3.50 9.24 18.82
CA PHE A 48 -3.01 8.48 17.68
C PHE A 48 -1.50 8.47 17.58
N ASP A 49 -0.93 7.27 17.60
CA ASP A 49 0.52 7.12 17.50
C ASP A 49 0.95 7.09 16.03
N ARG A 50 1.26 8.26 15.50
CA ARG A 50 1.67 8.43 14.10
C ARG A 50 2.92 7.66 13.69
N GLU A 51 3.97 7.76 14.48
CA GLU A 51 5.20 7.06 14.17
C GLU A 51 4.96 5.57 14.03
N ARG A 52 4.30 5.00 15.02
CA ARG A 52 4.01 3.57 15.00
C ARG A 52 3.21 3.20 13.76
N PHE A 53 2.23 4.03 13.41
CA PHE A 53 1.37 3.80 12.26
C PHE A 53 2.16 3.71 10.95
N GLN A 54 3.44 4.01 11.03
CA GLN A 54 4.30 3.99 9.86
C GLN A 54 4.77 2.59 9.50
N ASP A 55 5.03 1.73 10.49
CA ASP A 55 5.43 0.36 10.17
C ASP A 55 4.11 -0.38 9.97
N PRO A 56 3.74 -0.62 8.71
CA PRO A 56 2.48 -1.32 8.40
C PRO A 56 2.26 -2.64 9.13
N SER A 57 3.30 -3.17 9.78
CA SER A 57 3.16 -4.45 10.48
C SER A 57 2.71 -4.32 11.92
N LEU A 58 2.95 -3.17 12.54
CA LEU A 58 2.57 -2.96 13.93
C LEU A 58 1.09 -2.66 14.10
N SER A 59 0.52 -3.18 15.17
CA SER A 59 -0.89 -2.98 15.47
C SER A 59 -1.11 -1.50 15.68
N VAL A 60 -2.26 -1.00 15.27
CA VAL A 60 -2.54 0.40 15.42
C VAL A 60 -2.81 0.72 16.88
N ARG A 61 -2.22 1.82 17.35
CA ARG A 61 -2.38 2.30 18.72
C ARG A 61 -2.94 3.71 18.65
N GLY A 62 -4.25 3.81 18.75
CA GLY A 62 -4.89 5.11 18.68
C GLY A 62 -6.04 5.00 17.71
N GLY A 63 -6.77 6.08 17.50
CA GLY A 63 -7.89 6.01 16.59
C GLY A 63 -9.01 5.13 17.11
N ILE A 64 -9.76 4.55 16.19
CA ILE A 64 -10.88 3.69 16.56
C ILE A 64 -10.86 2.33 15.86
N PRO A 65 -10.01 1.42 16.35
CA PRO A 65 -9.94 0.08 15.73
C PRO A 65 -11.26 -0.70 15.87
N ILE A 66 -11.52 -1.53 14.86
CA ILE A 66 -12.72 -2.34 14.80
C ILE A 66 -12.39 -3.78 15.16
N LEU A 67 -13.20 -4.36 16.05
CA LEU A 67 -12.99 -5.75 16.51
C LEU A 67 -14.07 -6.68 15.93
N PHE A 68 -13.65 -7.58 15.02
CA PHE A 68 -14.58 -8.52 14.37
C PHE A 68 -13.81 -9.66 13.70
N PRO A 69 -14.31 -10.91 13.78
CA PRO A 69 -15.53 -11.40 14.43
C PRO A 69 -15.42 -11.72 15.92
N ILE A 70 -14.40 -11.21 16.60
CA ILE A 70 -14.30 -11.43 18.05
C ILE A 70 -13.63 -10.22 18.70
N CYS A 71 -13.85 -10.09 20.01
CA CYS A 71 -13.23 -9.03 20.79
C CYS A 71 -12.31 -9.76 21.77
N GLY A 72 -11.06 -9.33 21.85
CA GLY A 72 -10.11 -9.99 22.72
C GLY A 72 -9.54 -11.21 22.02
N ASN A 73 -9.00 -12.15 22.79
CA ASN A 73 -8.42 -13.33 22.17
C ASN A 73 -9.19 -14.58 22.57
N LEU A 74 -8.77 -15.71 22.00
CA LEU A 74 -9.41 -16.99 22.31
C LEU A 74 -8.35 -17.92 22.89
N PRO A 75 -8.77 -18.83 23.78
CA PRO A 75 -7.81 -19.76 24.38
C PRO A 75 -7.21 -20.58 23.24
N GLN A 76 -5.89 -20.65 23.19
CA GLN A 76 -5.20 -21.40 22.14
C GLN A 76 -5.41 -20.69 20.81
N ASP A 77 -6.00 -19.50 20.86
CA ASP A 77 -6.28 -18.73 19.65
C ASP A 77 -7.15 -19.51 18.67
N GLN A 78 -8.06 -20.33 19.19
CA GLN A 78 -8.95 -21.08 18.32
C GLN A 78 -10.31 -21.39 18.89
N PHE A 79 -11.21 -21.84 18.01
CA PHE A 79 -12.56 -22.22 18.36
C PHE A 79 -12.99 -23.28 17.36
N ASN A 80 -13.76 -24.23 17.83
CA ASN A 80 -14.24 -25.30 16.98
C ASN A 80 -15.62 -24.96 16.48
N HIS A 81 -15.92 -25.34 15.24
CA HIS A 81 -17.23 -25.13 14.67
C HIS A 81 -17.53 -26.31 13.76
N ALA A 82 -18.63 -26.99 14.03
CA ALA A 82 -19.02 -28.14 13.24
C ALA A 82 -17.86 -29.13 13.11
N GLY A 83 -17.32 -29.54 14.26
CA GLY A 83 -16.22 -30.48 14.27
C GLY A 83 -14.88 -29.85 13.94
N LYS A 84 -14.82 -29.11 12.85
CA LYS A 84 -13.59 -28.46 12.41
C LYS A 84 -13.07 -27.40 13.40
N SER A 85 -11.77 -27.13 13.33
CA SER A 85 -11.13 -26.15 14.21
C SER A 85 -10.64 -24.94 13.43
N TYR A 86 -10.80 -23.75 14.02
CA TYR A 86 -10.38 -22.51 13.36
C TYR A 86 -9.51 -21.62 14.24
N ARG A 87 -8.53 -20.97 13.61
CA ARG A 87 -7.60 -20.07 14.31
C ARG A 87 -7.91 -18.61 14.05
N LEU A 88 -8.03 -17.83 15.12
CA LEU A 88 -8.31 -16.41 15.02
C LEU A 88 -7.46 -15.61 15.98
N LYS A 89 -6.76 -14.60 15.45
CA LYS A 89 -5.92 -13.74 16.27
C LYS A 89 -6.79 -12.80 17.10
N GLN A 90 -6.17 -12.20 18.11
CA GLN A 90 -6.88 -11.28 18.99
C GLN A 90 -7.55 -10.11 18.26
N HIS A 91 -8.87 -9.99 18.42
CA HIS A 91 -9.66 -8.93 17.80
C HIS A 91 -10.02 -9.18 16.36
N GLY A 92 -9.81 -10.42 15.91
CA GLY A 92 -10.17 -10.76 14.54
C GLY A 92 -9.25 -10.27 13.44
N PHE A 93 -9.85 -9.96 12.30
CA PHE A 93 -9.09 -9.51 11.14
C PHE A 93 -9.60 -8.23 10.49
N ALA A 94 -10.77 -7.77 10.91
CA ALA A 94 -11.34 -6.57 10.33
C ALA A 94 -10.35 -5.41 10.43
N ARG A 95 -9.68 -5.32 11.57
CA ARG A 95 -8.71 -4.26 11.81
C ARG A 95 -7.53 -4.31 10.84
N ASP A 96 -7.18 -5.54 10.43
CA ASP A 96 -6.05 -5.82 9.54
C ASP A 96 -6.30 -5.84 8.05
N LEU A 97 -7.52 -5.55 7.60
CA LEU A 97 -7.82 -5.61 6.16
C LEU A 97 -8.32 -4.32 5.54
N PRO A 98 -8.14 -4.19 4.21
CA PRO A 98 -8.61 -2.97 3.57
C PRO A 98 -10.11 -3.04 3.29
N TRP A 99 -10.79 -1.90 3.47
CA TRP A 99 -12.22 -1.76 3.23
C TRP A 99 -12.36 -0.88 1.97
N GLU A 100 -13.49 -0.97 1.27
CA GLU A 100 -13.71 -0.17 0.07
C GLU A 100 -14.75 0.91 0.34
N VAL A 101 -14.59 2.07 -0.27
CA VAL A 101 -15.58 3.13 -0.10
C VAL A 101 -16.69 2.85 -1.13
N ILE A 102 -17.91 2.65 -0.64
CA ILE A 102 -19.04 2.37 -1.53
C ILE A 102 -20.10 3.44 -1.42
N GLY A 103 -19.74 4.60 -0.90
CA GLY A 103 -20.71 5.67 -0.77
C GLY A 103 -20.20 6.93 -0.11
N GLN A 104 -20.90 8.03 -0.34
CA GLN A 104 -20.53 9.31 0.23
C GLN A 104 -21.70 10.28 0.15
N GLN A 105 -21.95 10.97 1.25
CA GLN A 105 -23.01 11.96 1.32
C GLN A 105 -22.49 13.16 2.06
N THR A 106 -23.00 14.32 1.72
CA THR A 106 -22.55 15.56 2.34
C THR A 106 -23.71 16.56 2.55
N GLN A 107 -24.89 16.04 2.88
CA GLN A 107 -26.05 16.92 3.08
C GLN A 107 -26.41 17.14 4.55
N ASP A 108 -26.66 16.06 5.29
CA ASP A 108 -27.02 16.20 6.70
C ASP A 108 -25.81 16.07 7.60
N ASN A 109 -24.68 15.73 6.99
CA ASN A 109 -23.42 15.56 7.71
C ASN A 109 -22.35 15.09 6.74
N ALA A 110 -21.15 14.87 7.24
CA ALA A 110 -20.05 14.36 6.43
C ALA A 110 -20.21 12.86 6.57
N ARG A 111 -20.54 12.17 5.50
CA ARG A 111 -20.76 10.74 5.61
C ARG A 111 -19.98 9.87 4.62
N LEU A 112 -19.19 8.95 5.17
CA LEU A 112 -18.40 8.04 4.36
C LEU A 112 -18.85 6.60 4.61
N ASP A 113 -19.15 5.87 3.53
CA ASP A 113 -19.62 4.49 3.64
C ASP A 113 -18.57 3.47 3.15
N LEU A 114 -18.16 2.60 4.07
CA LEU A 114 -17.14 1.59 3.78
C LEU A 114 -17.66 0.16 3.83
N ARG A 115 -17.00 -0.70 3.06
CA ARG A 115 -17.40 -2.10 3.00
C ARG A 115 -16.26 -3.09 3.18
N LEU A 116 -16.53 -4.11 4.00
CA LEU A 116 -15.59 -5.18 4.25
C LEU A 116 -16.30 -6.50 3.97
N SER A 117 -15.80 -7.20 2.96
CA SER A 117 -16.37 -8.47 2.56
C SER A 117 -15.45 -9.63 2.88
N HIS A 118 -16.08 -10.76 3.14
CA HIS A 118 -15.34 -11.98 3.41
C HIS A 118 -14.56 -12.35 2.14
N ASN A 119 -13.58 -13.24 2.28
CA ASN A 119 -12.79 -13.75 1.16
C ASN A 119 -12.16 -15.10 1.52
N ASP A 120 -11.43 -15.71 0.60
CA ASP A 120 -10.83 -17.02 0.86
C ASP A 120 -9.98 -17.06 2.12
N ALA A 121 -9.17 -16.03 2.33
CA ALA A 121 -8.30 -15.98 3.51
C ALA A 121 -9.11 -15.84 4.80
N THR A 122 -10.23 -15.14 4.69
CA THR A 122 -11.08 -14.90 5.84
C THR A 122 -11.90 -16.14 6.18
N LEU A 123 -12.33 -16.86 5.16
CA LEU A 123 -13.15 -18.07 5.34
C LEU A 123 -12.33 -19.19 5.96
N GLU A 124 -11.02 -19.06 5.84
CA GLU A 124 -10.09 -20.04 6.36
C GLU A 124 -9.93 -19.93 7.87
N ALA A 125 -10.32 -18.79 8.44
CA ALA A 125 -10.22 -18.55 9.88
C ALA A 125 -11.61 -18.32 10.50
N PHE A 126 -12.61 -18.12 9.64
CA PHE A 126 -13.97 -17.84 10.05
C PHE A 126 -14.86 -18.22 8.87
N PRO A 127 -15.34 -19.48 8.83
CA PRO A 127 -16.19 -20.05 7.79
C PRO A 127 -17.58 -19.46 7.60
N PHE A 128 -17.69 -18.15 7.47
CA PHE A 128 -18.99 -17.52 7.26
C PHE A 128 -18.90 -16.41 6.23
N ALA A 129 -19.83 -16.43 5.27
CA ALA A 129 -19.86 -15.44 4.19
C ALA A 129 -20.37 -14.09 4.68
N PHE A 130 -19.59 -13.43 5.52
CA PHE A 130 -19.99 -12.14 6.07
C PHE A 130 -19.78 -10.94 5.14
N GLU A 131 -20.55 -9.89 5.39
CA GLU A 131 -20.42 -8.65 4.64
C GLU A 131 -20.78 -7.51 5.58
N LEU A 132 -19.84 -6.60 5.77
CA LEU A 132 -20.04 -5.47 6.66
C LEU A 132 -20.01 -4.15 5.90
N VAL A 133 -20.98 -3.28 6.18
CA VAL A 133 -21.00 -1.97 5.58
C VAL A 133 -21.17 -1.01 6.77
N PHE A 134 -20.16 -0.20 7.01
CA PHE A 134 -20.20 0.74 8.12
C PHE A 134 -20.35 2.12 7.54
N SER A 135 -21.12 2.95 8.24
CA SER A 135 -21.34 4.31 7.81
C SER A 135 -20.79 5.22 8.89
N TYR A 136 -19.85 6.08 8.51
CA TYR A 136 -19.27 7.01 9.45
C TYR A 136 -19.85 8.38 9.12
N GLN A 137 -20.56 8.96 10.09
CA GLN A 137 -21.21 10.26 9.93
C GLN A 137 -20.66 11.24 10.93
N LEU A 138 -20.16 12.35 10.42
CA LEU A 138 -19.57 13.41 11.24
C LEU A 138 -20.41 14.69 11.19
N GLN A 139 -20.88 15.14 12.34
CA GLN A 139 -21.65 16.38 12.44
C GLN A 139 -21.39 17.05 13.77
N GLY A 140 -21.45 18.37 13.76
CA GLY A 140 -21.25 19.14 14.97
C GLY A 140 -20.12 18.63 15.83
N HIS A 141 -20.45 18.16 17.02
CA HIS A 141 -19.43 17.67 17.93
C HIS A 141 -19.51 16.17 18.19
N SER A 142 -19.97 15.42 17.20
CA SER A 142 -20.08 13.99 17.40
C SER A 142 -19.75 13.14 16.19
N LEU A 143 -19.45 11.87 16.46
CA LEU A 143 -19.15 10.88 15.43
C LEU A 143 -20.05 9.68 15.66
N ARG A 144 -20.81 9.32 14.64
CA ARG A 144 -21.71 8.19 14.70
C ARG A 144 -21.29 7.19 13.65
N ILE A 145 -21.23 5.92 14.04
CA ILE A 145 -20.86 4.88 13.09
C ILE A 145 -22.01 3.90 13.10
N GLU A 146 -22.50 3.58 11.92
CA GLU A 146 -23.62 2.66 11.80
C GLU A 146 -23.14 1.42 11.10
N GLN A 147 -23.53 0.27 11.65
CA GLN A 147 -23.09 -0.99 11.09
C GLN A 147 -24.24 -1.87 10.65
N ARG A 148 -23.98 -2.63 9.59
CA ARG A 148 -24.92 -3.62 9.09
C ARG A 148 -24.04 -4.85 8.98
N ILE A 149 -24.34 -5.86 9.78
CA ILE A 149 -23.57 -7.09 9.76
C ILE A 149 -24.42 -8.07 8.95
N ALA A 150 -23.91 -8.49 7.80
CA ALA A 150 -24.68 -9.40 6.98
C ALA A 150 -24.07 -10.78 6.85
N ASN A 151 -24.94 -11.76 6.73
CA ASN A 151 -24.52 -13.13 6.53
C ASN A 151 -25.05 -13.51 5.14
N LEU A 152 -24.14 -13.60 4.18
CA LEU A 152 -24.52 -13.92 2.80
C LEU A 152 -24.27 -15.39 2.51
N GLY A 153 -24.27 -16.18 3.57
CA GLY A 153 -24.05 -17.61 3.47
C GLY A 153 -25.30 -18.41 3.81
N ASP A 154 -25.18 -19.73 3.83
CA ASP A 154 -26.31 -20.61 4.11
C ASP A 154 -26.53 -21.09 5.54
N GLN A 155 -25.72 -20.64 6.49
CA GLN A 155 -25.96 -21.08 7.86
C GLN A 155 -25.70 -19.97 8.86
N ARG A 156 -26.35 -20.06 10.02
CA ARG A 156 -26.18 -19.06 11.08
C ARG A 156 -24.74 -18.64 11.27
N PRO A 158 -22.17 -16.87 13.97
CA PRO A 158 -21.99 -16.31 15.31
C PRO A 158 -20.92 -15.23 15.15
N PHE A 159 -20.94 -14.22 16.00
CA PHE A 159 -19.93 -13.17 15.89
C PHE A 159 -19.95 -12.20 17.07
N SER A 160 -18.88 -11.41 17.11
CA SER A 160 -18.71 -10.36 18.10
C SER A 160 -18.21 -9.15 17.34
N LEU A 161 -18.65 -7.98 17.74
CA LEU A 161 -18.24 -6.74 17.10
C LEU A 161 -17.90 -5.72 18.18
N GLY A 162 -16.78 -5.02 18.00
CA GLY A 162 -16.41 -4.02 18.98
C GLY A 162 -15.66 -2.83 18.40
N PHE A 163 -15.73 -1.72 19.12
CA PHE A 163 -15.03 -0.50 18.70
C PHE A 163 -14.09 -0.20 19.84
N HIS A 164 -12.85 0.11 19.48
CA HIS A 164 -11.78 0.33 20.43
C HIS A 164 -11.26 1.78 20.42
N PRO A 165 -12.14 2.76 20.60
CA PRO A 165 -11.69 4.16 20.58
C PRO A 165 -10.63 4.53 21.62
N TYR A 166 -9.62 5.28 21.16
CA TYR A 166 -8.55 5.77 22.02
C TYR A 166 -8.79 7.26 22.23
N PHE A 167 -9.45 7.63 23.32
CA PHE A 167 -9.72 9.03 23.59
C PHE A 167 -8.52 9.73 24.21
N PHE A 168 -8.24 10.94 23.73
CA PHE A 168 -7.10 11.72 24.22
C PHE A 168 -7.30 11.98 25.70
N CYS A 169 -6.24 11.80 26.47
CA CYS A 169 -6.35 12.00 27.90
C CYS A 169 -4.97 12.09 28.54
N ARG A 170 -4.57 13.31 28.90
CA ARG A 170 -3.26 13.54 29.52
C ARG A 170 -3.35 13.51 31.03
N GLU A 171 -4.12 14.44 31.58
CA GLU A 171 -4.30 14.52 33.04
C GLU A 171 -5.37 13.53 33.46
N LYS A 172 -4.96 12.31 33.76
CA LYS A 172 -5.88 11.25 34.15
C LYS A 172 -6.46 11.38 35.56
N LEU A 173 -5.70 11.97 36.47
CA LEU A 173 -6.13 12.13 37.85
C LEU A 173 -7.48 12.83 37.98
N GLY A 174 -7.66 13.93 37.26
CA GLY A 174 -8.91 14.67 37.35
C GLY A 174 -10.09 14.07 36.61
N ILE A 175 -9.86 12.94 35.94
CA ILE A 175 -10.92 12.29 35.17
C ILE A 175 -12.10 11.80 35.99
N THR A 176 -13.29 12.28 35.62
CA THR A 176 -14.53 11.89 36.27
C THR A 176 -15.13 10.76 35.41
N LEU A 177 -15.42 9.61 36.02
CA LEU A 177 -15.99 8.48 35.28
C LEU A 177 -17.48 8.27 35.52
N ALA A 178 -18.12 7.55 34.60
CA ALA A 178 -19.53 7.27 34.69
C ALA A 178 -19.83 6.01 33.88
N ILE A 179 -19.47 4.87 34.47
CA ILE A 179 -19.68 3.57 33.86
C ILE A 179 -20.86 2.92 34.60
N PRO A 180 -21.90 2.49 33.87
CA PRO A 180 -23.10 1.85 34.42
C PRO A 180 -22.96 0.38 34.79
N ALA A 181 -22.13 0.11 35.78
CA ALA A 181 -21.90 -1.24 36.26
C ALA A 181 -21.65 -1.21 37.75
N ASN A 182 -21.52 -2.40 38.36
CA ASN A 182 -21.27 -2.48 39.78
C ASN A 182 -20.02 -3.30 40.03
N ASP A 183 -19.55 -3.97 38.98
CA ASP A 183 -18.35 -4.81 39.07
C ASP A 183 -17.64 -4.82 37.72
N TYR A 184 -16.35 -5.14 37.74
CA TYR A 184 -15.59 -5.24 36.51
C TYR A 184 -14.66 -6.45 36.55
N LEU A 185 -14.01 -6.71 35.44
CA LEU A 185 -13.11 -7.86 35.35
C LEU A 185 -11.74 -7.45 34.85
N ASP A 186 -10.73 -7.52 35.72
CA ASP A 186 -9.36 -7.17 35.35
C ASP A 186 -8.86 -8.26 34.42
N GLN A 187 -9.05 -8.05 33.13
CA GLN A 187 -8.64 -9.03 32.14
C GLN A 187 -7.20 -9.48 32.27
N LYS A 188 -6.37 -8.70 32.97
CA LYS A 188 -4.98 -9.06 33.17
C LYS A 188 -4.90 -10.30 34.05
N THR A 189 -5.39 -10.15 35.28
CA THR A 189 -5.37 -11.22 36.27
C THR A 189 -6.55 -12.20 36.10
N GLY A 190 -7.71 -11.66 35.77
CA GLY A 190 -8.87 -12.50 35.60
C GLY A 190 -9.77 -12.46 36.82
N ASP A 191 -9.38 -11.67 37.82
CA ASP A 191 -10.15 -11.54 39.05
C ASP A 191 -11.17 -10.39 38.95
N CYS A 192 -12.32 -10.57 39.57
CA CYS A 192 -13.35 -9.54 39.56
C CYS A 192 -13.08 -8.52 40.65
N HIS A 193 -13.82 -7.42 40.60
CA HIS A 193 -13.67 -6.34 41.58
C HIS A 193 -14.90 -5.47 41.61
N GLY A 194 -15.22 -4.95 42.79
CA GLY A 194 -16.37 -4.10 42.92
C GLY A 194 -16.07 -2.74 42.33
N TYR A 195 -17.08 -2.10 41.77
CA TYR A 195 -16.93 -0.78 41.16
C TYR A 195 -17.83 0.19 41.89
N ASP A 196 -17.23 1.23 42.48
CA ASP A 196 -17.99 2.22 43.24
C ASP A 196 -18.38 3.44 42.43
N GLY A 197 -17.77 3.62 41.26
CA GLY A 197 -18.10 4.78 40.46
C GLY A 197 -16.89 5.65 40.20
N GLN A 198 -15.71 5.13 40.54
CA GLN A 198 -14.47 5.86 40.35
C GLN A 198 -13.31 4.87 40.30
N LEU A 199 -12.14 5.36 39.91
CA LEU A 199 -10.98 4.49 39.81
C LEU A 199 -9.73 5.32 39.55
N ASN A 200 -8.57 4.77 39.89
CA ASN A 200 -7.30 5.47 39.67
C ASN A 200 -6.79 5.15 38.26
N LEU A 201 -7.08 6.05 37.33
CA LEU A 201 -6.66 5.90 35.94
C LEU A 201 -5.18 6.26 35.78
N THR A 202 -4.54 6.57 36.90
CA THR A 202 -3.13 6.91 36.91
C THR A 202 -2.31 5.63 37.14
N SER A 203 -3.01 4.56 37.52
CA SER A 203 -2.37 3.27 37.77
C SER A 203 -1.50 2.85 36.59
N PRO A 204 -0.50 1.97 36.82
CA PRO A 204 0.38 1.51 35.74
C PRO A 204 -0.36 0.97 34.54
N GLU A 205 -1.44 0.22 34.80
CA GLU A 205 -2.24 -0.35 33.72
C GLU A 205 -3.61 -0.80 34.21
N LEU A 206 -4.65 -0.35 33.50
CA LEU A 206 -6.02 -0.70 33.82
C LEU A 206 -6.67 -1.35 32.59
N ASP A 207 -7.03 -2.63 32.71
CA ASP A 207 -7.65 -3.35 31.61
C ASP A 207 -8.93 -3.97 32.14
N LEU A 208 -9.95 -3.13 32.33
CA LEU A 208 -11.22 -3.57 32.88
C LEU A 208 -12.35 -3.87 31.89
N ALA A 209 -13.03 -5.00 32.13
CA ALA A 209 -14.15 -5.41 31.29
C ALA A 209 -15.45 -5.46 32.11
N PHE A 210 -16.30 -4.45 31.93
CA PHE A 210 -17.58 -4.40 32.61
C PHE A 210 -18.59 -5.15 31.73
N THR A 211 -18.83 -6.42 32.01
CA THR A 211 -19.76 -7.17 31.19
C THR A 211 -21.20 -7.16 31.68
N GLN A 212 -21.48 -6.34 32.69
CA GLN A 212 -22.83 -6.22 33.26
C GLN A 212 -23.17 -4.75 33.41
N ILE A 213 -23.75 -4.16 32.37
CA ILE A 213 -24.08 -2.73 32.40
C ILE A 213 -25.56 -2.45 32.44
N SER A 214 -25.93 -1.35 33.09
CA SER A 214 -27.32 -0.96 33.24
C SER A 214 -27.77 0.22 32.40
N GLN A 215 -26.90 0.68 31.50
CA GLN A 215 -27.20 1.82 30.65
C GLN A 215 -26.61 1.63 29.26
N PRO A 216 -27.31 2.07 28.22
CA PRO A 216 -26.80 1.93 26.86
C PRO A 216 -25.84 3.10 26.57
N ARG A 217 -25.15 3.55 27.62
CA ARG A 217 -24.21 4.65 27.49
C ARG A 217 -23.19 4.69 28.61
N ALA A 218 -22.24 5.60 28.48
CA ALA A 218 -21.15 5.79 29.45
C ALA A 218 -20.36 7.04 29.02
N HIS A 219 -19.64 7.65 29.96
CA HIS A 219 -18.86 8.84 29.62
C HIS A 219 -17.83 9.14 30.68
N PHE A 220 -17.03 10.17 30.43
CA PHE A 220 -16.01 10.60 31.38
C PHE A 220 -15.76 12.09 31.17
N ILE A 221 -15.45 12.78 32.25
CA ILE A 221 -15.23 14.22 32.18
C ILE A 221 -13.82 14.58 32.61
N ASP A 222 -13.11 15.29 31.72
CA ASP A 222 -11.76 15.73 32.00
C ASP A 222 -11.76 17.24 32.20
N PRO A 223 -11.61 17.69 33.46
CA PRO A 223 -11.60 19.12 33.77
C PRO A 223 -10.43 19.84 33.11
N ASP A 224 -9.24 19.25 33.20
CA ASP A 224 -8.06 19.87 32.61
C ASP A 224 -8.39 20.44 31.24
N ARG A 225 -9.08 19.64 30.44
CA ARG A 225 -9.46 20.09 29.10
C ARG A 225 -10.86 20.67 29.13
N ASN A 226 -11.50 20.56 30.29
CA ASN A 226 -12.84 21.09 30.49
C ASN A 226 -13.87 20.58 29.47
N LEU A 227 -13.99 19.26 29.36
CA LEU A 227 -14.94 18.66 28.43
C LEU A 227 -15.22 17.21 28.74
N LYS A 228 -16.36 16.71 28.31
CA LYS A 228 -16.69 15.31 28.56
C LYS A 228 -16.88 14.55 27.25
N ILE A 229 -16.51 13.28 27.28
CA ILE A 229 -16.62 12.40 26.14
C ILE A 229 -17.59 11.28 26.49
N GLU A 230 -18.72 11.23 25.80
CA GLU A 230 -19.73 10.21 26.06
C GLU A 230 -19.90 9.17 24.95
N VAL A 231 -20.00 7.91 25.38
CA VAL A 231 -20.16 6.79 24.47
C VAL A 231 -21.56 6.18 24.59
N SER A 232 -22.33 6.20 23.53
CA SER A 232 -23.67 5.62 23.55
C SER A 232 -23.69 4.51 22.51
N PHE A 233 -24.66 3.59 22.61
CA PHE A 233 -24.70 2.46 21.68
C PHE A 233 -26.02 1.69 21.58
N SER A 234 -26.25 1.09 20.42
CA SER A 234 -27.45 0.29 20.21
C SER A 234 -27.37 -1.00 21.06
N GLU A 235 -28.48 -1.71 21.20
CA GLU A 235 -28.51 -2.90 22.04
C GLU A 235 -27.60 -4.08 21.71
N LEU A 236 -26.90 -4.03 20.59
CA LEU A 236 -26.00 -5.12 20.21
C LEU A 236 -24.82 -5.13 21.21
N TYR A 237 -24.55 -3.98 21.81
CA TYR A 237 -23.43 -3.87 22.73
C TYR A 237 -23.82 -4.03 24.19
N GLN A 238 -23.31 -5.09 24.81
CA GLN A 238 -23.63 -5.39 26.20
C GLN A 238 -22.45 -5.31 27.15
N THR A 239 -21.26 -5.10 26.60
CA THR A 239 -20.04 -5.00 27.41
C THR A 239 -19.25 -3.71 27.21
N LEU A 240 -18.67 -3.22 28.29
CA LEU A 240 -17.89 -2.00 28.26
C LEU A 240 -16.48 -2.29 28.75
N VAL A 241 -15.50 -1.97 27.92
CA VAL A 241 -14.09 -2.20 28.25
C VAL A 241 -13.33 -0.88 28.46
N LEU A 242 -12.43 -0.88 29.43
CA LEU A 242 -11.63 0.31 29.71
C LEU A 242 -10.14 -0.04 29.69
N TRP A 243 -9.40 0.58 28.77
CA TRP A 243 -7.96 0.34 28.57
C TRP A 243 -7.17 1.63 28.79
N THR A 244 -6.05 1.52 29.48
CA THR A 244 -5.21 2.68 29.75
C THR A 244 -3.90 2.25 30.39
N VAL A 245 -2.82 2.93 30.06
CA VAL A 245 -1.52 2.60 30.63
C VAL A 245 -0.72 3.84 31.01
N ALA A 246 0.11 3.68 32.04
CA ALA A 246 0.96 4.75 32.52
C ALA A 246 1.81 5.29 31.36
N GLY A 247 1.84 6.60 31.20
CA GLY A 247 2.63 7.19 30.12
C GLY A 247 1.82 7.61 28.91
N LYS A 248 1.37 6.64 28.11
CA LYS A 248 0.60 6.95 26.92
C LYS A 248 -0.69 7.71 27.29
N ASP A 249 -0.89 8.85 26.65
CA ASP A 249 -2.04 9.71 26.95
C ASP A 249 -3.37 9.39 26.27
N TYR A 250 -3.97 8.27 26.64
CA TYR A 250 -5.26 7.87 26.08
C TYR A 250 -6.08 7.03 27.06
N LEU A 251 -7.39 7.12 26.93
CA LEU A 251 -8.28 6.35 27.78
C LEU A 251 -9.32 5.71 26.86
N CYS A 252 -9.32 4.38 26.81
CA CYS A 252 -10.28 3.65 25.97
C CYS A 252 -11.55 3.29 26.74
N LEU A 253 -12.68 3.73 26.22
CA LEU A 253 -13.98 3.43 26.81
C LEU A 253 -14.62 2.71 25.63
N GLU A 254 -14.47 1.40 25.58
CA GLU A 254 -14.92 0.61 24.44
C GLU A 254 -16.18 -0.26 24.52
N PRO A 255 -17.09 -0.08 23.55
CA PRO A 255 -18.33 -0.85 23.49
C PRO A 255 -18.09 -2.17 22.73
N TRP A 256 -18.38 -3.29 23.38
CA TRP A 256 -18.22 -4.63 22.81
C TRP A 256 -19.56 -5.34 22.80
N SER A 257 -19.86 -6.08 21.74
CA SER A 257 -21.14 -6.78 21.71
C SER A 257 -21.08 -7.93 22.72
N GLY A 258 -19.86 -8.39 22.96
CA GLY A 258 -19.65 -9.48 23.90
C GLY A 258 -18.23 -9.44 24.45
N PRO A 259 -17.96 -10.16 25.55
CA PRO A 259 -16.64 -10.21 26.18
C PRO A 259 -15.67 -11.17 25.49
N ARG A 260 -14.47 -11.29 26.06
CA ARG A 260 -13.47 -12.18 25.50
C ARG A 260 -13.97 -13.63 25.54
N ASN A 261 -13.63 -14.38 24.50
CA ASN A 261 -13.98 -15.78 24.34
C ASN A 261 -15.48 -16.06 24.22
N ALA A 262 -16.22 -15.07 23.75
CA ALA A 262 -17.65 -15.19 23.57
C ALA A 262 -18.00 -16.21 22.47
N LEU A 263 -17.15 -16.29 21.44
CA LEU A 263 -17.35 -17.21 20.33
C LEU A 263 -17.30 -18.67 20.81
N ASN A 264 -16.70 -18.88 21.98
CA ASN A 264 -16.58 -20.22 22.56
C ASN A 264 -17.52 -20.47 23.74
N SER A 265 -17.72 -19.46 24.58
CA SER A 265 -18.58 -19.60 25.74
C SER A 265 -20.05 -19.34 25.42
N GLY A 266 -20.29 -18.47 24.45
CA GLY A 266 -21.65 -18.13 24.06
C GLY A 266 -22.14 -16.91 24.80
N GLU A 267 -21.33 -16.39 25.72
CA GLU A 267 -21.71 -15.22 26.50
C GLU A 267 -21.89 -13.94 25.66
N GLN A 268 -23.12 -13.44 25.64
CA GLN A 268 -23.47 -12.23 24.89
C GLN A 268 -23.08 -12.42 23.43
N LEU A 269 -22.98 -13.67 22.99
CA LEU A 269 -22.62 -13.94 21.61
C LEU A 269 -23.78 -13.50 20.73
N ALA A 270 -23.51 -13.15 19.47
CA ALA A 270 -24.55 -12.71 18.56
C ALA A 270 -24.58 -13.54 17.27
N TRP A 271 -25.75 -13.58 16.64
CA TRP A 271 -25.91 -14.34 15.41
C TRP A 271 -26.62 -13.57 14.32
N VAL A 272 -26.40 -14.02 13.08
CA VAL A 272 -27.03 -13.45 11.90
C VAL A 272 -27.52 -14.62 11.06
N GLU A 273 -28.84 -14.73 10.91
CA GLU A 273 -29.41 -15.82 10.13
C GLU A 273 -28.95 -15.76 8.69
N PRO A 274 -28.96 -16.92 8.00
CA PRO A 274 -28.54 -17.05 6.60
C PRO A 274 -29.22 -16.02 5.70
N TYR A 275 -28.47 -15.50 4.74
CA TYR A 275 -28.99 -14.53 3.78
C TYR A 275 -29.78 -13.44 4.49
N SER A 276 -29.25 -12.98 5.61
CA SER A 276 -29.88 -11.93 6.41
C SER A 276 -28.79 -11.00 6.91
N SER A 277 -29.20 -10.00 7.69
CA SER A 277 -28.25 -9.05 8.27
C SER A 277 -28.91 -8.34 9.44
N ARG A 278 -28.10 -7.75 10.32
CA ARG A 278 -28.63 -6.98 11.42
C ARG A 278 -27.84 -5.69 11.48
N SER A 279 -28.44 -4.65 12.03
CA SER A 279 -27.76 -3.37 12.13
C SER A 279 -27.57 -2.91 13.57
N ALA A 280 -26.65 -1.97 13.74
CA ALA A 280 -26.35 -1.46 15.05
C ALA A 280 -25.67 -0.12 14.85
N TRP A 281 -25.37 0.55 15.96
CA TRP A 281 -24.68 1.81 15.90
C TRP A 281 -24.02 2.18 17.23
N VAL A 282 -22.97 2.97 17.13
CA VAL A 282 -22.26 3.45 18.30
C VAL A 282 -22.14 4.96 18.09
N ASN A 283 -22.20 5.72 19.17
CA ASN A 283 -22.13 7.17 19.05
C ASN A 283 -21.10 7.77 19.97
N PHE A 284 -20.49 8.86 19.52
CA PHE A 284 -19.48 9.55 20.30
C PHE A 284 -19.82 11.02 20.35
N GLN A 285 -20.10 11.52 21.55
CA GLN A 285 -20.46 12.91 21.73
C GLN A 285 -19.46 13.64 22.61
N VAL A 286 -18.99 14.79 22.15
CA VAL A 286 -18.07 15.58 22.96
C VAL A 286 -18.81 16.82 23.45
N SER A 287 -18.57 17.19 24.70
CA SER A 287 -19.20 18.36 25.30
C SER A 287 -18.16 19.22 25.99
N THR A 288 -18.41 20.53 26.03
CA THR A 288 -17.51 21.48 26.67
C THR A 288 -18.03 21.86 28.05
N GLU A 289 -18.08 20.88 28.94
CA GLU A 289 -18.56 21.10 30.29
C GLU A 289 -17.49 21.71 31.18
N TYR B 2 -20.69 20.61 5.13
CA TYR B 2 -20.07 19.30 5.20
C TYR B 2 -19.10 19.04 4.08
N ASN B 3 -17.89 18.63 4.42
CA ASN B 3 -16.87 18.38 3.42
C ASN B 3 -16.19 17.03 3.51
N ILE B 4 -15.93 16.46 2.34
CA ILE B 4 -15.27 15.19 2.21
C ILE B 4 -14.26 15.28 1.08
N SER B 5 -13.00 14.98 1.39
CA SER B 5 -11.93 14.99 0.41
C SER B 5 -10.97 13.87 0.80
N PHE B 6 -9.91 13.66 0.01
CA PHE B 6 -8.97 12.61 0.34
C PHE B 6 -7.63 12.82 -0.35
N THR B 7 -6.59 12.14 0.14
CA THR B 7 -5.29 12.22 -0.49
C THR B 7 -5.05 10.78 -0.94
N PRO B 8 -4.60 10.58 -2.19
CA PRO B 8 -4.36 9.22 -2.67
C PRO B 8 -3.12 8.57 -2.06
N ASP B 9 -3.00 7.25 -2.22
CA ASP B 9 -1.83 6.57 -1.68
C ASP B 9 -0.55 7.28 -2.12
N ARG B 10 0.40 7.39 -1.21
CA ARG B 10 1.66 8.06 -1.52
C ARG B 10 2.81 7.12 -1.15
N PRO B 11 3.36 6.39 -2.13
CA PRO B 11 4.46 5.47 -1.84
C PRO B 11 5.72 6.16 -1.33
N LEU B 12 6.53 5.45 -0.56
CA LEU B 12 7.76 6.03 -0.06
C LEU B 12 8.55 6.41 -1.30
N THR B 13 9.16 7.58 -1.28
CA THR B 13 9.90 8.08 -2.43
C THR B 13 11.26 8.59 -2.02
N TYR B 14 12.32 8.07 -2.65
CA TYR B 14 13.65 8.57 -2.32
C TYR B 14 14.00 9.67 -3.32
N HIS B 15 14.79 10.64 -2.88
CA HIS B 15 15.17 11.75 -3.74
C HIS B 15 16.68 11.85 -3.83
N LEU B 16 17.27 11.09 -4.76
CA LEU B 16 18.71 11.12 -4.96
C LEU B 16 19.05 12.45 -5.60
N GLU B 17 20.12 13.09 -5.13
CA GLU B 17 20.50 14.38 -5.70
C GLU B 17 21.97 14.68 -5.71
N ASP B 18 22.34 15.49 -6.70
CA ASP B 18 23.69 15.95 -6.89
C ASP B 18 23.42 17.42 -7.11
N ASP B 19 23.51 18.23 -6.06
CA ASP B 19 23.24 19.66 -6.20
C ASP B 19 24.40 20.33 -6.93
N GLN B 20 25.51 19.62 -6.98
CA GLN B 20 26.72 20.10 -7.64
C GLN B 20 26.45 20.29 -9.13
N SER B 21 25.52 19.50 -9.67
CA SER B 21 25.14 19.55 -11.08
C SER B 21 23.66 19.81 -11.27
N LEU B 22 22.96 20.09 -10.18
CA LEU B 22 21.52 20.36 -10.23
C LEU B 22 20.73 19.22 -10.86
N ALA B 23 20.95 18.00 -10.36
CA ALA B 23 20.24 16.84 -10.88
C ALA B 23 19.45 16.13 -9.77
N ARG B 24 18.12 16.09 -9.94
CA ARG B 24 17.26 15.46 -8.97
C ARG B 24 16.76 14.13 -9.55
N LEU B 25 16.52 13.16 -8.67
CA LEU B 25 16.07 11.85 -9.08
C LEU B 25 15.09 11.33 -8.02
N SER B 26 13.96 10.82 -8.47
CA SER B 26 12.97 10.28 -7.55
C SER B 26 12.94 8.77 -7.77
N LEU B 27 13.16 8.01 -6.70
CA LEU B 27 13.16 6.56 -6.80
C LEU B 27 12.17 5.98 -5.80
N VAL B 28 11.19 5.25 -6.30
CA VAL B 28 10.20 4.66 -5.42
C VAL B 28 10.19 3.13 -5.47
N PRO B 29 10.86 2.48 -4.50
CA PRO B 29 10.95 1.02 -4.42
C PRO B 29 9.62 0.52 -3.92
N GLY B 30 9.47 -0.77 -3.71
CA GLY B 30 8.19 -1.24 -3.22
C GLY B 30 7.09 -0.98 -4.23
N ARG B 31 7.42 -0.23 -5.27
CA ARG B 31 6.47 0.08 -6.33
C ARG B 31 7.16 -0.24 -7.64
N GLY B 32 7.97 -1.29 -7.61
CA GLY B 32 8.69 -1.72 -8.80
C GLY B 32 10.12 -1.23 -8.89
N GLY B 33 10.76 -0.93 -7.76
CA GLY B 33 12.13 -0.43 -7.77
C GLY B 33 12.25 0.54 -8.91
N LEU B 34 11.22 1.37 -9.04
CA LEU B 34 11.09 2.33 -10.11
C LEU B 34 11.64 3.75 -9.92
N VAL B 35 12.41 4.20 -10.90
CA VAL B 35 12.93 5.56 -10.91
C VAL B 35 11.78 6.33 -11.57
N THR B 36 11.11 7.16 -10.78
CA THR B 36 9.97 7.91 -11.26
C THR B 36 10.24 9.10 -12.17
N GLU B 37 11.09 10.02 -11.72
CA GLU B 37 11.40 11.19 -12.52
C GLU B 37 12.86 11.53 -12.37
N TRP B 38 13.34 12.47 -13.16
CA TRP B 38 14.74 12.85 -13.12
C TRP B 38 14.90 14.17 -13.86
N THR B 39 15.54 15.14 -13.21
CA THR B 39 15.73 16.45 -13.82
C THR B 39 17.16 16.94 -13.77
N VAL B 40 17.51 17.80 -14.73
CA VAL B 40 18.83 18.39 -14.83
C VAL B 40 18.62 19.88 -14.99
N GLN B 41 18.95 20.63 -13.95
CA GLN B 41 18.76 22.08 -13.98
C GLN B 41 17.27 22.37 -14.13
N GLY B 42 16.46 21.62 -13.36
CA GLY B 42 15.03 21.82 -13.40
C GLY B 42 14.33 21.39 -14.69
N GLN B 43 15.09 20.81 -15.62
CA GLN B 43 14.54 20.34 -16.89
C GLN B 43 14.26 18.85 -16.80
N PRO B 44 12.99 18.45 -16.96
CA PRO B 44 12.65 17.02 -16.90
C PRO B 44 13.24 16.23 -18.05
N ILE B 45 14.05 15.24 -17.71
CA ILE B 45 14.69 14.40 -18.71
C ILE B 45 13.91 13.09 -18.84
N LEU B 46 13.05 12.83 -17.87
CA LEU B 46 12.25 11.62 -17.87
C LEU B 46 10.76 11.98 -17.75
N TYR B 47 9.94 11.49 -18.67
CA TYR B 47 8.49 11.74 -18.66
C TYR B 47 7.78 10.86 -17.66
N PHE B 48 6.80 11.43 -16.97
CA PHE B 48 6.06 10.66 -16.00
C PHE B 48 4.60 11.12 -15.91
N ASP B 49 3.71 10.16 -15.73
CA ASP B 49 2.27 10.41 -15.61
C ASP B 49 1.87 10.25 -14.15
N ARG B 50 1.83 11.37 -13.44
CA ARG B 50 1.48 11.38 -12.02
C ARG B 50 0.02 11.01 -11.73
N GLU B 51 -0.89 11.58 -12.51
CA GLU B 51 -2.31 11.32 -12.32
C GLU B 51 -2.60 9.84 -12.38
N ARG B 52 -2.00 9.14 -13.33
CA ARG B 52 -2.23 7.71 -13.44
C ARG B 52 -1.57 6.98 -12.29
N PHE B 53 -0.51 7.59 -11.75
CA PHE B 53 0.20 6.98 -10.64
C PHE B 53 -0.62 6.98 -9.37
N GLN B 54 -1.68 7.79 -9.35
CA GLN B 54 -2.57 7.90 -8.20
C GLN B 54 -3.03 6.52 -7.74
N ASP B 55 -3.39 5.67 -8.69
CA ASP B 55 -3.88 4.32 -8.42
C ASP B 55 -2.74 3.30 -8.34
N PRO B 56 -2.62 2.60 -7.20
CA PRO B 56 -1.58 1.59 -6.99
C PRO B 56 -1.77 0.27 -7.74
N SER B 57 -2.88 0.13 -8.46
CA SER B 57 -3.15 -1.09 -9.19
C SER B 57 -3.06 -0.88 -10.70
N LEU B 58 -2.61 0.31 -11.10
CA LEU B 58 -2.49 0.65 -12.50
C LEU B 58 -1.07 0.69 -13.01
N SER B 59 -0.82 -0.02 -14.10
CA SER B 59 0.49 -0.06 -14.74
C SER B 59 1.05 1.35 -14.76
N VAL B 60 2.37 1.49 -14.67
CA VAL B 60 2.97 2.82 -14.67
C VAL B 60 3.29 3.29 -16.10
N ARG B 61 3.30 4.60 -16.28
CA ARG B 61 3.59 5.19 -17.58
C ARG B 61 4.57 6.34 -17.40
N GLY B 62 5.86 6.00 -17.43
CA GLY B 62 6.91 6.98 -17.26
C GLY B 62 7.98 6.37 -16.38
N GLY B 63 9.08 7.10 -16.19
CA GLY B 63 10.15 6.60 -15.35
C GLY B 63 10.88 5.48 -16.06
N ILE B 64 11.44 4.55 -15.28
CA ILE B 64 12.17 3.43 -15.86
C ILE B 64 11.69 2.08 -15.36
N PRO B 65 10.54 1.63 -15.83
CA PRO B 65 10.07 0.32 -15.37
C PRO B 65 11.12 -0.76 -15.66
N ILE B 66 11.12 -1.80 -14.84
CA ILE B 66 12.05 -2.90 -15.01
C ILE B 66 11.27 -4.02 -15.67
N LEU B 67 11.83 -4.61 -16.72
CA LEU B 67 11.18 -5.72 -17.40
C LEU B 67 11.94 -6.99 -17.07
N PHE B 68 11.38 -7.80 -16.18
CA PHE B 68 12.00 -9.06 -15.77
C PHE B 68 10.87 -9.95 -15.25
N PRO B 69 10.91 -11.25 -15.53
CA PRO B 69 11.90 -12.04 -16.28
C PRO B 69 11.70 -12.13 -17.80
N ILE B 70 10.80 -11.33 -18.35
CA ILE B 70 10.57 -11.35 -19.78
C ILE B 70 10.22 -9.95 -20.27
N CYS B 71 10.70 -9.62 -21.46
CA CYS B 71 10.41 -8.33 -22.08
C CYS B 71 9.27 -8.57 -23.07
N GLY B 72 8.36 -7.61 -23.17
CA GLY B 72 7.22 -7.80 -24.05
C GLY B 72 6.33 -8.87 -23.43
N ASN B 73 5.66 -9.65 -24.26
CA ASN B 73 4.79 -10.70 -23.76
C ASN B 73 5.05 -12.04 -24.44
N LEU B 74 4.47 -13.09 -23.89
CA LEU B 74 4.63 -14.43 -24.42
C LEU B 74 3.38 -14.85 -25.21
N PRO B 75 3.52 -15.84 -26.10
CA PRO B 75 2.35 -16.28 -26.87
C PRO B 75 1.31 -16.81 -25.88
N GLN B 76 0.33 -15.96 -25.57
CA GLN B 76 -0.72 -16.31 -24.62
C GLN B 76 -0.21 -16.43 -23.19
N ASP B 77 0.75 -15.57 -22.85
CA ASP B 77 1.31 -15.51 -21.51
C ASP B 77 1.89 -16.82 -20.97
N GLN B 78 2.31 -17.74 -21.84
CA GLN B 78 2.85 -19.00 -21.32
C GLN B 78 4.12 -19.54 -21.96
N PHE B 79 4.90 -20.24 -21.15
CA PHE B 79 6.13 -20.89 -21.58
C PHE B 79 6.22 -22.16 -20.76
N ASN B 80 6.77 -23.22 -21.33
CA ASN B 80 6.87 -24.48 -20.62
C ASN B 80 8.28 -24.78 -20.13
N HIS B 81 8.37 -25.42 -18.97
CA HIS B 81 9.65 -25.80 -18.40
C HIS B 81 9.49 -27.04 -17.52
N ALA B 82 10.13 -28.12 -17.95
CA ALA B 82 10.07 -29.40 -17.24
C ALA B 82 8.70 -30.02 -17.50
N GLY B 83 8.33 -30.13 -18.78
CA GLY B 83 7.06 -30.71 -19.14
C GLY B 83 5.89 -29.90 -18.60
N LYS B 84 6.19 -28.95 -17.73
CA LYS B 84 5.17 -28.10 -17.13
C LYS B 84 4.94 -26.83 -17.94
N SER B 85 3.90 -26.09 -17.56
CA SER B 85 3.55 -24.85 -18.21
C SER B 85 3.37 -23.79 -17.12
N TYR B 86 3.71 -22.56 -17.45
CA TYR B 86 3.59 -21.46 -16.50
C TYR B 86 2.97 -20.25 -17.16
N ARG B 87 2.33 -19.41 -16.36
CA ARG B 87 1.67 -18.22 -16.87
C ARG B 87 2.50 -17.03 -16.42
N LEU B 88 2.86 -16.18 -17.36
CA LEU B 88 3.65 -15.00 -17.05
C LEU B 88 3.13 -13.80 -17.83
N LYS B 89 2.61 -12.82 -17.11
CA LYS B 89 2.08 -11.64 -17.78
C LYS B 89 3.17 -10.82 -18.44
N GLN B 90 2.74 -9.90 -19.29
CA GLN B 90 3.62 -9.02 -20.04
C GLN B 90 4.65 -8.29 -19.18
N HIS B 91 5.92 -8.40 -19.56
CA HIS B 91 7.00 -7.75 -18.84
C HIS B 91 7.29 -8.33 -17.48
N GLY B 92 6.89 -9.57 -17.27
CA GLY B 92 7.14 -10.23 -16.01
C GLY B 92 6.37 -9.66 -14.83
N PHE B 93 7.07 -9.53 -13.70
CA PHE B 93 6.43 -9.04 -12.48
C PHE B 93 7.31 -8.13 -11.64
N ALA B 94 8.60 -8.07 -11.98
CA ALA B 94 9.54 -7.24 -11.24
C ALA B 94 8.99 -5.82 -11.06
N ARG B 95 8.12 -5.39 -11.97
CA ARG B 95 7.58 -4.04 -11.86
C ARG B 95 6.28 -4.00 -11.07
N ASP B 96 5.83 -5.17 -10.59
CA ASP B 96 4.60 -5.25 -9.84
C ASP B 96 4.87 -5.60 -8.39
N LEU B 97 6.15 -5.78 -8.05
CA LEU B 97 6.50 -6.13 -6.69
C LEU B 97 7.26 -5.06 -5.95
N PRO B 98 7.25 -5.12 -4.61
CA PRO B 98 7.97 -4.12 -3.83
C PRO B 98 9.43 -4.51 -3.69
N TRP B 99 10.33 -3.54 -3.77
CA TRP B 99 11.76 -3.82 -3.63
C TRP B 99 12.30 -3.24 -2.31
N GLU B 100 13.03 -4.04 -1.53
CA GLU B 100 13.54 -3.54 -0.26
C GLU B 100 14.90 -2.88 -0.36
N VAL B 101 15.00 -1.72 0.27
CA VAL B 101 16.23 -0.94 0.31
C VAL B 101 17.21 -1.71 1.19
N ILE B 102 18.44 -1.91 0.72
CA ILE B 102 19.43 -2.64 1.52
C ILE B 102 20.74 -1.90 1.63
N GLY B 103 20.77 -0.67 1.15
CA GLY B 103 22.00 0.10 1.25
C GLY B 103 21.88 1.43 0.52
N GLN B 104 22.79 2.34 0.83
CA GLN B 104 22.79 3.64 0.19
C GLN B 104 24.12 4.29 0.49
N GLN B 105 24.55 5.20 -0.37
CA GLN B 105 25.83 5.87 -0.15
C GLN B 105 25.79 7.28 -0.71
N THR B 106 26.83 8.04 -0.43
CA THR B 106 26.87 9.40 -0.90
C THR B 106 28.27 9.96 -1.02
N GLN B 107 29.26 9.07 -1.12
CA GLN B 107 30.65 9.50 -1.24
C GLN B 107 31.02 10.00 -2.63
N ASP B 108 30.79 9.17 -3.65
CA ASP B 108 31.12 9.57 -5.02
C ASP B 108 29.90 9.85 -5.88
N ASN B 109 28.72 9.62 -5.32
CA ASN B 109 27.47 9.87 -6.03
C ASN B 109 26.27 9.60 -5.13
N ALA B 110 25.07 9.93 -5.61
CA ALA B 110 23.85 9.67 -4.84
C ALA B 110 23.49 8.22 -5.18
N ARG B 111 23.94 7.31 -4.34
CA ARG B 111 23.68 5.89 -4.59
C ARG B 111 22.71 5.22 -3.63
N LEU B 112 21.76 4.48 -4.19
CA LEU B 112 20.74 3.74 -3.44
C LEU B 112 20.69 2.35 -4.04
N ASP B 113 20.79 1.33 -3.21
CA ASP B 113 20.77 -0.02 -3.72
C ASP B 113 19.50 -0.71 -3.27
N LEU B 114 18.80 -1.30 -4.23
CA LEU B 114 17.55 -1.98 -3.97
C LEU B 114 17.66 -3.47 -4.23
N ARG B 115 16.78 -4.23 -3.59
CA ARG B 115 16.82 -5.68 -3.74
C ARG B 115 15.42 -6.25 -3.88
N LEU B 116 15.29 -7.25 -4.75
CA LEU B 116 14.03 -7.91 -4.99
C LEU B 116 14.28 -9.41 -4.98
N SER B 117 13.56 -10.11 -4.12
CA SER B 117 13.72 -11.55 -4.03
C SER B 117 12.46 -12.23 -4.54
N HIS B 118 12.56 -13.53 -4.78
CA HIS B 118 11.45 -14.31 -5.30
C HIS B 118 10.50 -14.68 -4.16
N ASN B 119 9.23 -14.93 -4.52
CA ASN B 119 8.22 -15.33 -3.55
C ASN B 119 7.37 -16.42 -4.18
N ASP B 120 6.57 -17.10 -3.37
CA ASP B 120 5.72 -18.20 -3.85
C ASP B 120 4.84 -17.84 -5.04
N ALA B 121 4.31 -16.62 -5.06
CA ALA B 121 3.46 -16.17 -6.17
C ALA B 121 4.36 -16.12 -7.40
N THR B 122 5.59 -15.64 -7.19
CA THR B 122 6.58 -15.55 -8.23
C THR B 122 6.84 -16.95 -8.80
N LEU B 123 7.19 -17.87 -7.90
CA LEU B 123 7.48 -19.26 -8.26
C LEU B 123 6.35 -19.97 -9.00
N GLU B 124 5.15 -19.39 -8.96
CA GLU B 124 4.03 -20.01 -9.66
C GLU B 124 4.07 -19.59 -11.13
N ALA B 125 4.65 -18.43 -11.39
CA ALA B 125 4.78 -17.91 -12.74
C ALA B 125 6.16 -18.27 -13.29
N PHE B 126 7.20 -17.86 -12.56
CA PHE B 126 8.58 -18.11 -12.94
C PHE B 126 9.18 -19.01 -11.85
N PRO B 127 9.29 -20.32 -12.12
CA PRO B 127 9.81 -21.37 -11.22
C PRO B 127 11.30 -21.35 -10.91
N PHE B 128 11.84 -20.18 -10.59
CA PHE B 128 13.26 -20.07 -10.29
C PHE B 128 13.52 -19.15 -9.10
N ALA B 129 14.36 -19.62 -8.19
CA ALA B 129 14.71 -18.88 -7.00
C ALA B 129 15.65 -17.71 -7.34
N PHE B 130 15.12 -16.74 -8.08
CA PHE B 130 15.92 -15.60 -8.50
C PHE B 130 16.16 -14.59 -7.38
N GLU B 131 17.01 -13.61 -7.66
CA GLU B 131 17.28 -12.53 -6.72
C GLU B 131 17.97 -11.39 -7.45
N LEU B 132 17.33 -10.21 -7.39
CA LEU B 132 17.88 -9.02 -8.03
C LEU B 132 18.33 -7.99 -7.01
N VAL B 133 19.41 -7.30 -7.32
CA VAL B 133 19.94 -6.24 -6.47
C VAL B 133 20.45 -5.18 -7.44
N PHE B 134 19.79 -4.04 -7.45
CA PHE B 134 20.15 -2.96 -8.35
C PHE B 134 20.71 -1.76 -7.62
N SER B 135 21.68 -1.11 -8.24
CA SER B 135 22.30 0.05 -7.66
C SER B 135 21.98 1.23 -8.55
N TYR B 136 21.27 2.21 -8.01
CA TYR B 136 20.97 3.39 -8.79
C TYR B 136 21.97 4.44 -8.35
N GLN B 137 22.72 4.94 -9.32
CA GLN B 137 23.75 5.92 -9.03
C GLN B 137 23.59 7.20 -9.85
N LEU B 138 23.21 8.27 -9.17
CA LEU B 138 23.01 9.55 -9.82
C LEU B 138 24.27 10.39 -9.64
N GLN B 139 24.82 10.89 -10.73
CA GLN B 139 26.03 11.70 -10.64
C GLN B 139 26.11 12.67 -11.82
N GLY B 140 26.48 13.90 -11.54
CA GLY B 140 26.58 14.90 -12.59
C GLY B 140 25.35 14.93 -13.47
N HIS B 141 25.55 14.81 -14.78
CA HIS B 141 24.45 14.81 -15.74
C HIS B 141 24.08 13.40 -16.20
N SER B 142 24.39 12.39 -15.39
CA SER B 142 24.07 11.02 -15.78
C SER B 142 23.52 10.17 -14.64
N LEU B 143 22.90 9.05 -15.02
CA LEU B 143 22.31 8.11 -14.09
C LEU B 143 22.76 6.72 -14.51
N ARG B 144 23.34 5.98 -13.57
CA ARG B 144 23.78 4.64 -13.85
C ARG B 144 23.04 3.65 -12.97
N ILE B 145 22.67 2.52 -13.55
CA ILE B 145 21.98 1.48 -12.82
C ILE B 145 22.75 0.21 -13.07
N GLU B 146 23.14 -0.46 -11.99
CA GLU B 146 23.89 -1.69 -12.11
C GLU B 146 22.94 -2.78 -11.67
N GLN B 147 23.12 -3.98 -12.17
CA GLN B 147 22.23 -5.08 -11.81
C GLN B 147 22.98 -6.36 -11.59
N ARG B 148 22.52 -7.13 -10.61
CA ARG B 148 23.10 -8.42 -10.34
C ARG B 148 21.93 -9.38 -10.37
N ILE B 149 21.97 -10.34 -11.29
CA ILE B 149 20.92 -11.31 -11.42
C ILE B 149 21.46 -12.61 -10.85
N ALA B 150 21.02 -12.94 -9.64
CA ALA B 150 21.50 -14.14 -8.98
C ALA B 150 20.51 -15.29 -9.06
N ASN B 151 21.03 -16.51 -8.92
CA ASN B 151 20.23 -17.72 -8.95
C ASN B 151 20.52 -18.50 -7.68
N LEU B 152 19.51 -18.62 -6.82
CA LEU B 152 19.65 -19.32 -5.55
C LEU B 152 19.10 -20.73 -5.65
N GLY B 153 18.83 -21.15 -6.88
CA GLY B 153 18.31 -22.48 -7.14
C GLY B 153 19.34 -23.49 -7.61
N ASP B 154 18.87 -24.71 -7.85
CA ASP B 154 19.70 -25.83 -8.28
C ASP B 154 19.64 -26.06 -9.79
N GLN B 155 19.12 -25.09 -10.53
CA GLN B 155 19.03 -25.25 -11.98
C GLN B 155 19.29 -23.96 -12.73
N ARG B 156 19.84 -24.11 -13.94
CA ARG B 156 20.12 -22.94 -14.77
C ARG B 156 18.83 -22.15 -14.87
N PRO B 158 16.85 -19.41 -16.98
CA PRO B 158 16.71 -18.63 -18.22
C PRO B 158 16.04 -17.30 -17.89
N PHE B 159 16.47 -16.21 -18.51
CA PHE B 159 15.84 -14.93 -18.23
C PHE B 159 16.12 -13.82 -19.23
N SER B 160 15.29 -12.79 -19.14
CA SER B 160 15.39 -11.59 -19.98
C SER B 160 15.22 -10.43 -19.01
N LEU B 161 16.00 -9.38 -19.22
CA LEU B 161 15.90 -8.21 -18.38
C LEU B 161 16.05 -7.02 -19.29
N GLY B 162 15.22 -6.01 -19.07
CA GLY B 162 15.28 -4.82 -19.88
C GLY B 162 14.86 -3.63 -19.04
N PHE B 163 14.96 -2.45 -19.64
CA PHE B 163 14.58 -1.22 -18.99
C PHE B 163 13.69 -0.46 -19.97
N HIS B 164 12.59 0.10 -19.44
CA HIS B 164 11.60 0.80 -20.25
C HIS B 164 11.48 2.28 -19.89
N PRO B 165 12.54 3.07 -20.13
CA PRO B 165 12.57 4.51 -19.84
C PRO B 165 11.79 5.42 -20.79
N TYR B 166 10.89 6.24 -20.23
CA TYR B 166 10.12 7.17 -21.02
C TYR B 166 10.86 8.52 -20.94
N PHE B 167 11.62 8.88 -21.96
CA PHE B 167 12.32 10.15 -21.92
C PHE B 167 11.39 11.28 -22.32
N PHE B 168 11.38 12.36 -21.54
CA PHE B 168 10.51 13.49 -21.87
C PHE B 168 10.72 13.85 -23.34
N CYS B 169 9.63 14.18 -24.02
CA CYS B 169 9.73 14.53 -25.43
C CYS B 169 8.45 15.20 -25.95
N ARG B 170 8.54 16.48 -26.33
CA ARG B 170 7.37 17.19 -26.85
C ARG B 170 7.48 17.43 -28.35
N GLU B 171 8.56 18.08 -28.78
CA GLU B 171 8.80 18.38 -30.19
C GLU B 171 9.46 17.21 -30.95
N LYS B 172 8.66 16.17 -31.19
CA LYS B 172 9.11 14.95 -31.86
C LYS B 172 9.59 15.00 -33.31
N LEU B 173 9.28 16.07 -34.03
CA LEU B 173 9.69 16.19 -35.43
C LEU B 173 11.19 16.37 -35.63
N GLY B 174 11.76 17.33 -34.92
CA GLY B 174 13.18 17.61 -35.04
C GLY B 174 14.09 16.69 -34.25
N ILE B 175 13.57 15.54 -33.84
CA ILE B 175 14.37 14.58 -33.09
C ILE B 175 15.23 13.75 -34.03
N THR B 176 16.53 13.71 -33.78
CA THR B 176 17.43 12.92 -34.60
C THR B 176 17.70 11.60 -33.88
N LEU B 177 17.83 10.52 -34.63
CA LEU B 177 18.09 9.21 -34.05
C LEU B 177 19.45 8.65 -34.38
N ALA B 178 20.02 7.91 -33.44
CA ALA B 178 21.33 7.28 -33.60
C ALA B 178 21.29 5.85 -33.03
N ILE B 179 20.80 4.91 -33.82
CA ILE B 179 20.69 3.52 -33.41
C ILE B 179 21.59 2.63 -34.27
N PRO B 180 22.53 1.90 -33.65
CA PRO B 180 23.44 1.03 -34.38
C PRO B 180 22.76 -0.22 -34.92
N ALA B 181 21.95 -0.03 -35.94
CA ALA B 181 21.23 -1.14 -36.57
C ALA B 181 21.08 -0.94 -38.07
N ASN B 182 20.65 -1.99 -38.77
CA ASN B 182 20.46 -1.89 -40.21
C ASN B 182 19.01 -2.14 -40.59
N ASP B 183 18.25 -2.63 -39.63
CA ASP B 183 16.82 -2.90 -39.84
C ASP B 183 16.12 -3.20 -38.53
N TYR B 184 14.84 -2.86 -38.46
CA TYR B 184 14.04 -3.08 -37.27
C TYR B 184 12.85 -4.00 -37.51
N LEU B 185 12.25 -4.46 -36.43
CA LEU B 185 11.09 -5.34 -36.49
C LEU B 185 9.89 -4.58 -35.98
N ASP B 186 8.88 -4.40 -36.83
CA ASP B 186 7.66 -3.71 -36.43
C ASP B 186 6.85 -4.68 -35.58
N GLN B 187 7.00 -4.56 -34.27
CA GLN B 187 6.29 -5.44 -33.37
C GLN B 187 4.78 -5.42 -33.54
N LYS B 188 4.25 -4.37 -34.17
CA LYS B 188 2.81 -4.27 -34.39
C LYS B 188 2.39 -5.22 -35.51
N THR B 189 3.19 -5.24 -36.56
CA THR B 189 2.95 -6.02 -37.76
C THR B 189 3.56 -7.41 -37.79
N GLY B 190 4.83 -7.47 -37.40
CA GLY B 190 5.56 -8.73 -37.45
C GLY B 190 6.37 -8.65 -38.73
N ASP B 191 6.32 -7.47 -39.35
CA ASP B 191 7.01 -7.20 -40.61
C ASP B 191 8.35 -6.52 -40.39
N CYS B 192 9.36 -6.92 -41.17
CA CYS B 192 10.69 -6.31 -41.07
C CYS B 192 10.85 -5.23 -42.10
N HIS B 193 11.68 -4.24 -41.78
CA HIS B 193 11.95 -3.14 -42.69
C HIS B 193 13.39 -2.71 -42.53
N GLY B 194 13.99 -2.27 -43.63
CA GLY B 194 15.34 -1.78 -43.55
C GLY B 194 15.23 -0.48 -42.76
N TYR B 195 16.29 -0.14 -42.04
CA TYR B 195 16.30 1.09 -41.25
C TYR B 195 17.35 2.01 -41.83
N ASP B 196 16.96 3.19 -42.26
CA ASP B 196 17.93 4.11 -42.84
C ASP B 196 18.39 5.23 -41.91
N GLY B 197 18.03 5.13 -40.63
CA GLY B 197 18.44 6.13 -39.67
C GLY B 197 17.47 7.26 -39.38
N GLN B 198 16.27 7.19 -39.93
CA GLN B 198 15.29 8.24 -39.68
C GLN B 198 13.88 7.70 -39.76
N LEU B 199 13.08 8.03 -38.75
CA LEU B 199 11.71 7.57 -38.68
C LEU B 199 10.81 8.75 -38.32
N ASN B 200 9.54 8.66 -38.71
CA ASN B 200 8.59 9.73 -38.39
C ASN B 200 8.06 9.47 -36.99
N LEU B 201 8.73 10.04 -36.00
CA LEU B 201 8.35 9.87 -34.60
C LEU B 201 7.04 10.58 -34.29
N THR B 202 6.47 11.23 -35.31
CA THR B 202 5.21 11.95 -35.18
C THR B 202 4.04 11.02 -35.46
N SER B 203 4.33 9.89 -36.07
CA SER B 203 3.33 8.88 -36.43
C SER B 203 2.43 8.48 -35.24
N PRO B 204 1.28 7.87 -35.53
CA PRO B 204 0.36 7.45 -34.46
C PRO B 204 1.08 6.66 -33.37
N GLU B 205 1.70 5.55 -33.74
CA GLU B 205 2.44 4.71 -32.81
C GLU B 205 3.58 3.97 -33.49
N LEU B 206 4.67 3.79 -32.74
CA LEU B 206 5.85 3.07 -33.22
C LEU B 206 6.32 2.14 -32.12
N ASP B 207 6.27 0.84 -32.39
CA ASP B 207 6.70 -0.17 -31.43
C ASP B 207 7.69 -1.05 -32.17
N LEU B 208 8.84 -0.45 -32.50
CA LEU B 208 9.91 -1.09 -33.25
C LEU B 208 10.96 -1.82 -32.40
N ALA B 209 11.52 -2.88 -32.95
CA ALA B 209 12.53 -3.67 -32.25
C ALA B 209 13.80 -3.87 -33.08
N PHE B 210 14.93 -3.43 -32.52
CA PHE B 210 16.22 -3.56 -33.19
C PHE B 210 16.99 -4.66 -32.48
N THR B 211 16.89 -5.87 -33.00
CA THR B 211 17.55 -7.01 -32.39
C THR B 211 19.00 -7.21 -32.84
N GLN B 212 19.35 -6.64 -33.99
CA GLN B 212 20.71 -6.74 -34.50
C GLN B 212 21.40 -5.39 -34.41
N ILE B 213 22.11 -5.16 -33.31
CA ILE B 213 22.84 -3.90 -33.11
C ILE B 213 24.34 -4.10 -33.16
N SER B 214 25.05 -3.05 -33.59
CA SER B 214 26.51 -3.10 -33.73
C SER B 214 27.31 -2.44 -32.61
N GLN B 215 26.70 -1.47 -31.93
CA GLN B 215 27.36 -0.78 -30.82
C GLN B 215 26.62 -0.95 -29.49
N PRO B 216 27.36 -0.94 -28.36
CA PRO B 216 26.74 -1.10 -27.04
C PRO B 216 26.17 0.20 -26.46
N ARG B 217 25.80 1.12 -27.35
CA ARG B 217 25.20 2.37 -26.95
C ARG B 217 24.34 2.90 -28.08
N ALA B 218 23.49 3.89 -27.77
CA ALA B 218 22.60 4.49 -28.76
C ALA B 218 22.15 5.83 -28.22
N HIS B 219 21.52 6.66 -29.04
CA HIS B 219 21.10 7.97 -28.56
C HIS B 219 20.22 8.76 -29.52
N PHE B 220 19.66 9.86 -29.03
CA PHE B 220 18.84 10.73 -29.85
C PHE B 220 19.09 12.17 -29.45
N ILE B 221 18.93 13.08 -30.41
CA ILE B 221 19.14 14.51 -30.17
C ILE B 221 17.82 15.25 -30.33
N ASP B 222 17.59 16.23 -29.46
CA ASP B 222 16.38 17.03 -29.51
C ASP B 222 16.74 18.50 -29.46
N PRO B 223 16.91 19.13 -30.64
CA PRO B 223 17.26 20.55 -30.81
C PRO B 223 16.40 21.50 -29.99
N ASP B 224 15.11 21.19 -29.88
CA ASP B 224 14.19 22.03 -29.13
C ASP B 224 14.74 22.27 -27.73
N ARG B 225 14.82 21.20 -26.94
CA ARG B 225 15.36 21.28 -25.59
C ARG B 225 16.88 21.31 -25.70
N ASN B 226 17.35 21.50 -26.93
CA ASN B 226 18.77 21.57 -27.27
C ASN B 226 19.62 20.66 -26.41
N LEU B 227 19.36 19.35 -26.48
CA LEU B 227 20.12 18.38 -25.70
C LEU B 227 20.29 17.04 -26.43
N LYS B 228 20.97 16.11 -25.75
CA LYS B 228 21.22 14.79 -26.30
C LYS B 228 21.18 13.77 -25.17
N ILE B 229 20.61 12.60 -25.45
CA ILE B 229 20.52 11.54 -24.47
C ILE B 229 21.06 10.24 -25.04
N GLU B 230 22.14 9.76 -24.44
CA GLU B 230 22.79 8.54 -24.87
C GLU B 230 22.52 7.39 -23.89
N VAL B 231 22.21 6.20 -24.43
CA VAL B 231 21.97 5.02 -23.62
C VAL B 231 23.16 4.07 -23.79
N SER B 232 23.79 3.74 -22.68
CA SER B 232 24.97 2.90 -22.66
C SER B 232 24.65 1.59 -21.92
N PHE B 233 25.33 0.50 -22.25
CA PHE B 233 25.05 -0.77 -21.55
C PHE B 233 26.11 -1.88 -21.64
N SER B 234 26.11 -2.75 -20.63
CA SER B 234 27.05 -3.87 -20.62
C SER B 234 26.59 -4.91 -21.65
N GLU B 235 27.38 -5.96 -21.80
CA GLU B 235 27.12 -7.02 -22.76
C GLU B 235 25.75 -7.71 -22.74
N LEU B 236 25.16 -7.85 -21.56
CA LEU B 236 23.84 -8.52 -21.43
C LEU B 236 22.76 -8.01 -22.39
N TYR B 237 22.76 -6.71 -22.68
CA TYR B 237 21.74 -6.13 -23.52
C TYR B 237 22.08 -6.23 -25.01
N GLN B 238 21.24 -6.94 -25.76
CA GLN B 238 21.48 -7.12 -27.18
C GLN B 238 20.35 -6.60 -28.05
N THR B 239 19.36 -5.99 -27.41
CA THR B 239 18.24 -5.47 -28.16
C THR B 239 17.86 -4.05 -27.74
N LEU B 240 17.41 -3.28 -28.71
CA LEU B 240 16.98 -1.91 -28.48
C LEU B 240 15.56 -1.76 -29.04
N VAL B 241 14.63 -1.42 -28.16
CA VAL B 241 13.23 -1.24 -28.52
C VAL B 241 12.91 0.24 -28.46
N LEU B 242 12.20 0.73 -29.47
CA LEU B 242 11.81 2.13 -29.58
C LEU B 242 10.28 2.23 -29.58
N TRP B 243 9.74 3.05 -28.69
CA TRP B 243 8.28 3.20 -28.60
C TRP B 243 7.85 4.61 -28.30
N THR B 244 6.80 5.04 -28.97
CA THR B 244 6.26 6.37 -28.77
C THR B 244 4.84 6.38 -29.30
N VAL B 245 4.06 7.35 -28.83
CA VAL B 245 2.68 7.48 -29.27
C VAL B 245 2.41 8.94 -29.58
N ALA B 246 1.80 9.18 -30.74
CA ALA B 246 1.47 10.53 -31.18
C ALA B 246 0.89 11.32 -30.02
N GLY B 247 0.04 10.67 -29.22
CA GLY B 247 -0.58 11.35 -28.10
C GLY B 247 0.37 11.89 -27.03
N LYS B 248 0.81 11.01 -26.15
CA LYS B 248 1.69 11.37 -25.04
C LYS B 248 3.01 12.04 -25.46
N ASP B 249 3.61 12.77 -24.52
CA ASP B 249 4.87 13.48 -24.76
C ASP B 249 6.12 12.74 -24.30
N TYR B 250 6.44 11.64 -24.96
CA TYR B 250 7.62 10.87 -24.59
C TYR B 250 8.07 9.96 -25.73
N LEU B 251 9.34 9.56 -25.65
CA LEU B 251 9.96 8.67 -26.63
C LEU B 251 10.70 7.59 -25.85
N CYS B 252 10.43 6.33 -26.16
CA CYS B 252 11.10 5.24 -25.46
C CYS B 252 12.25 4.62 -26.24
N LEU B 253 13.46 4.69 -25.68
CA LEU B 253 14.64 4.07 -26.30
C LEU B 253 15.11 3.06 -25.23
N GLU B 254 14.60 1.84 -25.34
CA GLU B 254 14.86 0.80 -24.36
C GLU B 254 15.88 -0.29 -24.67
N PRO B 255 16.76 -0.59 -23.70
CA PRO B 255 17.80 -1.62 -23.83
C PRO B 255 17.27 -2.90 -23.20
N TRP B 256 17.13 -3.95 -24.02
CA TRP B 256 16.64 -5.26 -23.58
C TRP B 256 17.73 -6.33 -23.74
N SER B 257 17.72 -7.31 -22.86
CA SER B 257 18.72 -8.37 -22.92
C SER B 257 18.35 -9.30 -24.07
N GLY B 258 17.09 -9.20 -24.49
CA GLY B 258 16.61 -10.03 -25.57
C GLY B 258 15.27 -9.57 -26.10
N PRO B 259 14.85 -10.14 -27.24
CA PRO B 259 13.58 -9.78 -27.85
C PRO B 259 12.39 -10.49 -27.19
N ARG B 260 11.21 -10.07 -27.61
CA ARG B 260 9.94 -10.61 -27.15
C ARG B 260 9.84 -12.11 -27.41
N ASN B 261 9.36 -12.85 -26.41
CA ASN B 261 9.20 -14.31 -26.45
C ASN B 261 10.54 -15.04 -26.43
N ALA B 262 11.56 -14.34 -25.95
CA ALA B 262 12.91 -14.91 -25.86
C ALA B 262 12.88 -16.15 -24.97
N LEU B 263 12.15 -16.05 -23.87
CA LEU B 263 12.08 -17.16 -22.92
C LEU B 263 11.65 -18.45 -23.63
N ASN B 264 10.90 -18.32 -24.72
CA ASN B 264 10.43 -19.47 -25.48
C ASN B 264 11.23 -19.78 -26.74
N SER B 265 11.61 -18.74 -27.48
CA SER B 265 12.36 -18.90 -28.71
C SER B 265 13.84 -19.16 -28.45
N GLY B 266 14.35 -18.63 -27.35
CA GLY B 266 15.75 -18.81 -27.00
C GLY B 266 16.63 -17.72 -27.60
N GLU B 267 16.01 -16.83 -28.36
CA GLU B 267 16.72 -15.73 -29.00
C GLU B 267 17.32 -14.79 -27.99
N GLN B 268 18.65 -14.76 -27.93
CA GLN B 268 19.34 -13.88 -27.01
C GLN B 268 18.83 -14.13 -25.59
N LEU B 269 18.51 -15.37 -25.27
CA LEU B 269 18.04 -15.70 -23.95
C LEU B 269 19.25 -15.70 -23.01
N ALA B 270 19.08 -15.15 -21.82
CA ALA B 270 20.20 -15.11 -20.88
C ALA B 270 20.02 -16.16 -19.80
N TRP B 271 21.12 -16.73 -19.33
CA TRP B 271 21.06 -17.73 -18.28
C TRP B 271 21.99 -17.39 -17.13
N VAL B 272 21.70 -17.94 -15.97
CA VAL B 272 22.53 -17.73 -14.80
C VAL B 272 22.63 -19.08 -14.07
N GLU B 273 23.85 -19.61 -14.04
CA GLU B 273 24.14 -20.90 -13.42
C GLU B 273 23.57 -21.11 -12.02
N PRO B 274 23.51 -22.36 -11.58
CA PRO B 274 22.98 -22.70 -10.26
C PRO B 274 23.79 -22.03 -9.14
N TYR B 275 23.09 -21.61 -8.10
CA TYR B 275 23.77 -21.00 -6.96
C TYR B 275 24.87 -20.00 -7.32
N SER B 276 24.57 -19.06 -8.21
CA SER B 276 25.55 -18.06 -8.60
C SER B 276 24.86 -16.81 -9.17
N SER B 277 25.65 -15.81 -9.54
CA SER B 277 25.10 -14.56 -10.09
C SER B 277 25.93 -14.03 -11.25
N ARG B 278 25.33 -13.14 -12.04
CA ARG B 278 26.04 -12.51 -13.16
C ARG B 278 25.73 -11.01 -13.11
N SER B 279 26.68 -10.20 -13.59
CA SER B 279 26.55 -8.76 -13.53
C SER B 279 26.30 -8.03 -14.87
N ALA B 280 25.61 -6.88 -14.77
CA ALA B 280 25.26 -6.08 -15.93
C ALA B 280 25.08 -4.63 -15.49
N TRP B 281 25.10 -3.71 -16.45
CA TRP B 281 24.88 -2.33 -16.11
C TRP B 281 24.33 -1.55 -17.29
N VAL B 282 23.56 -0.51 -17.00
CA VAL B 282 22.95 0.35 -18.00
C VAL B 282 23.26 1.78 -17.61
N ASN B 283 23.54 2.64 -18.58
CA ASN B 283 23.86 4.03 -18.29
C ASN B 283 23.11 5.05 -19.14
N PHE B 284 22.73 6.16 -18.52
CA PHE B 284 21.99 7.22 -19.22
C PHE B 284 22.74 8.54 -19.10
N GLN B 285 23.15 9.09 -20.22
CA GLN B 285 23.89 10.34 -20.25
C GLN B 285 23.05 11.49 -20.79
N VAL B 286 23.18 12.66 -20.17
CA VAL B 286 22.46 13.84 -20.62
C VAL B 286 23.49 14.91 -20.89
N SER B 287 23.47 15.50 -22.08
CA SER B 287 24.42 16.54 -22.45
C SER B 287 23.80 17.60 -23.38
N THR B 288 24.22 18.85 -23.17
CA THR B 288 23.71 19.99 -23.93
C THR B 288 23.62 19.83 -25.45
N GLU B 289 24.77 19.75 -26.12
CA GLU B 289 24.76 19.61 -27.57
C GLU B 289 23.97 20.76 -28.19
#